data_2BQ4
#
_entry.id   2BQ4
#
_cell.length_a   100.900
_cell.length_b   46.300
_cell.length_c   54.816
_cell.angle_alpha   90.00
_cell.angle_beta   118.97
_cell.angle_gamma   90.00
#
_symmetry.space_group_name_H-M   'C 1 2 1'
#
loop_
_entity.id
_entity.type
_entity.pdbx_description
1 polymer 'BASIC CYTOCHROME C3'
2 non-polymer 'HEME C'
3 non-polymer 'CALCIUM ION'
4 water water
#
_entity_poly.entity_id   1
_entity_poly.type   'polypeptide(L)'
_entity_poly.pdbx_seq_one_letter_code
;PQVPADVVIDHLSNPNAKLEYKVKFSHKAHASLGTDAAACQKCHHKWDGKSEIGGCATEGCHADTTSFKATEKDPKFLMT
AFHSKSPMSCQGCHKEMKTAKKTTGPTACAQCHNQK
;
_entity_poly.pdbx_strand_id   A,B
#
loop_
_chem_comp.id
_chem_comp.type
_chem_comp.name
_chem_comp.formula
CA non-polymer 'CALCIUM ION' 'Ca 2'
HEC non-polymer 'HEME C' 'C34 H34 Fe N4 O4'
#
# COMPACT_ATOMS: atom_id res chain seq x y z
N PRO A 1 -12.22 13.55 -27.02
CA PRO A 1 -13.56 13.26 -26.42
C PRO A 1 -13.62 13.57 -24.93
N GLN A 2 -14.84 13.53 -24.37
CA GLN A 2 -15.04 13.86 -22.95
C GLN A 2 -14.38 12.84 -22.03
N VAL A 3 -13.68 13.36 -21.03
CA VAL A 3 -13.00 12.56 -20.00
C VAL A 3 -13.92 12.38 -18.79
N PRO A 4 -14.35 11.15 -18.52
CA PRO A 4 -15.34 10.90 -17.46
C PRO A 4 -14.93 11.30 -16.05
N ALA A 5 -15.94 11.50 -15.21
CA ALA A 5 -15.75 11.58 -13.77
C ALA A 5 -15.34 10.21 -13.22
N ASP A 6 -15.04 10.17 -11.93
CA ASP A 6 -14.64 8.93 -11.28
C ASP A 6 -15.76 7.90 -11.33
N VAL A 7 -15.36 6.65 -11.54
CA VAL A 7 -16.27 5.53 -11.58
C VAL A 7 -15.80 4.41 -10.66
N VAL A 8 -16.67 3.43 -10.47
CA VAL A 8 -16.33 2.19 -9.80
C VAL A 8 -16.43 1.10 -10.84
N ILE A 9 -15.31 0.45 -11.13
CA ILE A 9 -15.26 -0.64 -12.09
C ILE A 9 -15.77 -1.92 -11.43
N ASP A 10 -16.86 -2.44 -11.96
CA ASP A 10 -17.51 -3.61 -11.39
C ASP A 10 -18.25 -4.39 -12.47
N HIS A 11 -17.49 -5.05 -13.34
CA HIS A 11 -18.06 -5.88 -14.40
C HIS A 11 -18.12 -7.36 -14.05
N LEU A 12 -17.34 -7.76 -13.06
CA LEU A 12 -17.13 -9.16 -12.71
C LEU A 12 -17.79 -9.48 -11.37
N SER A 13 -18.24 -10.73 -11.23
CA SER A 13 -19.06 -11.17 -10.09
C SER A 13 -18.58 -12.52 -9.57
N ASN A 14 -17.35 -12.52 -9.05
CA ASN A 14 -16.68 -13.74 -8.60
C ASN A 14 -17.60 -14.57 -7.70
N PRO A 15 -17.95 -15.79 -8.10
CA PRO A 15 -18.79 -16.63 -7.23
C PRO A 15 -18.13 -16.94 -5.89
N ASN A 16 -16.81 -16.88 -5.82
CA ASN A 16 -16.12 -16.78 -4.53
C ASN A 16 -16.18 -15.31 -4.08
N ALA A 17 -17.14 -15.04 -3.22
CA ALA A 17 -17.48 -13.67 -2.86
C ALA A 17 -16.38 -12.91 -2.14
N LYS A 18 -15.53 -13.62 -1.41
CA LYS A 18 -14.41 -13.00 -0.72
C LYS A 18 -13.37 -12.39 -1.69
N LEU A 19 -13.38 -12.87 -2.94
CA LEU A 19 -12.50 -12.40 -4.00
C LEU A 19 -13.25 -11.63 -5.09
N GLU A 20 -14.36 -11.02 -4.70
CA GLU A 20 -15.11 -10.10 -5.58
C GLU A 20 -14.74 -8.67 -5.19
N TYR A 21 -14.43 -7.85 -6.18
CA TYR A 21 -13.94 -6.50 -5.99
C TYR A 21 -14.71 -5.49 -6.83
N LYS A 22 -14.75 -4.26 -6.34
CA LYS A 22 -15.39 -3.13 -7.00
C LYS A 22 -14.37 -2.00 -6.87
N VAL A 23 -13.76 -1.64 -7.99
CA VAL A 23 -12.46 -0.97 -7.97
C VAL A 23 -12.60 0.45 -8.47
N LYS A 24 -12.26 1.41 -7.62
CA LYS A 24 -12.37 2.83 -8.01
C LYS A 24 -11.35 3.16 -9.09
N PHE A 25 -11.78 3.95 -10.07
CA PHE A 25 -10.89 4.40 -11.12
C PHE A 25 -11.16 5.85 -11.48
N SER A 26 -10.11 6.67 -11.48
CA SER A 26 -10.23 8.11 -11.70
C SER A 26 -9.43 8.54 -12.91
N HIS A 27 -10.12 8.98 -13.97
CA HIS A 27 -9.44 9.56 -15.11
C HIS A 27 -8.60 10.75 -14.67
N LYS A 28 -9.16 11.59 -13.78
CA LYS A 28 -8.47 12.80 -13.33
C LYS A 28 -7.14 12.49 -12.65
N ALA A 29 -7.13 11.46 -11.81
CA ALA A 29 -5.93 11.03 -11.11
C ALA A 29 -4.84 10.60 -12.08
N HIS A 30 -5.26 10.14 -13.27
CA HIS A 30 -4.37 9.65 -14.31
C HIS A 30 -3.94 10.73 -15.31
N ALA A 31 -4.18 12.00 -14.97
CA ALA A 31 -3.86 13.12 -15.87
C ALA A 31 -2.36 13.29 -16.15
N SER A 32 -1.50 12.80 -15.25
CA SER A 32 -0.06 12.83 -15.47
C SER A 32 0.39 11.97 -16.68
N LEU A 33 -0.46 11.05 -17.13
CA LEU A 33 -0.18 10.28 -18.33
C LEU A 33 -0.38 11.12 -19.60
N GLY A 34 -1.04 12.25 -19.46
CA GLY A 34 -1.33 13.14 -20.56
C GLY A 34 -2.83 13.29 -20.73
N THR A 35 -3.23 14.30 -21.51
CA THR A 35 -4.63 14.58 -21.79
C THR A 35 -4.91 14.70 -23.29
N ASP A 36 -3.89 14.44 -24.12
CA ASP A 36 -4.04 14.40 -25.58
C ASP A 36 -4.54 13.03 -26.04
N ALA A 37 -4.81 12.88 -27.33
CA ALA A 37 -5.41 11.64 -27.84
C ALA A 37 -4.51 10.43 -27.59
N ALA A 38 -3.20 10.62 -27.72
CA ALA A 38 -2.24 9.53 -27.49
C ALA A 38 -2.30 9.04 -26.04
N ALA A 39 -2.54 9.94 -25.09
CA ALA A 39 -2.73 9.57 -23.68
C ALA A 39 -3.87 8.58 -23.53
N CYS A 40 -5.00 8.88 -24.17
CA CYS A 40 -6.16 7.99 -24.15
C CYS A 40 -5.81 6.61 -24.72
N GLN A 41 -4.99 6.59 -25.77
CA GLN A 41 -4.56 5.36 -26.43
C GLN A 41 -3.59 4.49 -25.61
N LYS A 42 -3.03 5.04 -24.53
CA LYS A 42 -2.22 4.25 -23.59
C LYS A 42 -3.06 3.16 -22.94
N CYS A 43 -4.37 3.39 -22.84
CA CYS A 43 -5.32 2.40 -22.30
C CYS A 43 -6.38 1.98 -23.32
N HIS A 44 -7.08 2.95 -23.89
CA HIS A 44 -7.99 2.73 -25.01
C HIS A 44 -7.17 2.51 -26.28
N HIS A 45 -6.47 1.37 -26.31
CA HIS A 45 -5.41 1.15 -27.29
C HIS A 45 -5.91 0.79 -28.68
N LYS A 46 -7.18 0.45 -28.84
CA LYS A 46 -7.77 0.20 -30.15
C LYS A 46 -8.59 1.39 -30.66
N TRP A 47 -8.64 2.46 -29.89
CA TRP A 47 -9.36 3.68 -30.29
C TRP A 47 -8.68 4.34 -31.49
N ASP A 48 -9.46 4.77 -32.48
CA ASP A 48 -8.90 5.36 -33.71
C ASP A 48 -8.45 6.82 -33.55
N GLY A 49 -8.64 7.38 -32.35
CA GLY A 49 -8.23 8.75 -32.05
C GLY A 49 -9.26 9.82 -32.39
N LYS A 50 -10.39 9.42 -32.97
CA LYS A 50 -11.44 10.35 -33.41
C LYS A 50 -12.87 10.00 -32.96
N SER A 51 -13.21 8.71 -32.95
CA SER A 51 -14.57 8.24 -32.68
C SER A 51 -14.96 8.33 -31.20
N GLU A 52 -16.19 7.91 -30.89
CA GLU A 52 -16.61 7.70 -29.50
C GLU A 52 -15.67 6.69 -28.86
N ILE A 53 -15.37 6.88 -27.59
CA ILE A 53 -14.67 5.87 -26.78
C ILE A 53 -15.68 5.09 -25.94
N GLY A 54 -15.46 3.78 -25.83
CA GLY A 54 -16.34 2.89 -25.09
C GLY A 54 -15.60 2.03 -24.09
N GLY A 55 -16.29 1.04 -23.54
CA GLY A 55 -15.73 0.16 -22.51
C GLY A 55 -14.76 -0.87 -23.08
N CYS A 56 -14.05 -1.54 -22.18
CA CYS A 56 -13.06 -2.56 -22.55
C CYS A 56 -13.65 -3.93 -22.90
N ALA A 57 -14.92 -4.17 -22.59
CA ALA A 57 -15.47 -5.53 -22.57
C ALA A 57 -16.60 -5.74 -23.60
N THR A 58 -16.53 -5.04 -24.73
CA THR A 58 -17.51 -5.21 -25.80
C THR A 58 -17.14 -6.41 -26.65
N GLU A 59 -18.04 -6.77 -27.57
CA GLU A 59 -17.80 -7.89 -28.49
C GLU A 59 -16.54 -7.68 -29.32
N GLY A 60 -15.70 -8.71 -29.39
CA GLY A 60 -14.45 -8.66 -30.12
C GLY A 60 -13.30 -8.06 -29.32
N CYS A 61 -13.59 -7.68 -28.09
CA CYS A 61 -12.62 -7.04 -27.21
C CYS A 61 -12.44 -7.96 -25.98
N HIS A 62 -12.47 -7.44 -24.76
CA HIS A 62 -12.24 -8.27 -23.58
C HIS A 62 -13.58 -8.62 -22.90
N ALA A 63 -14.42 -9.34 -23.66
CA ALA A 63 -15.81 -9.55 -23.31
C ALA A 63 -16.09 -10.71 -22.36
N ASP A 64 -15.14 -11.62 -22.19
CA ASP A 64 -15.39 -12.83 -21.40
C ASP A 64 -15.18 -12.59 -19.90
N THR A 65 -16.29 -12.63 -19.16
CA THR A 65 -16.30 -12.36 -17.73
C THR A 65 -16.31 -13.63 -16.88
N THR A 66 -15.82 -14.74 -17.44
CA THR A 66 -15.92 -16.06 -16.78
C THR A 66 -14.60 -16.66 -16.35
N SER A 67 -13.49 -15.93 -16.53
CA SER A 67 -12.26 -16.24 -15.82
C SER A 67 -12.14 -15.28 -14.66
N PHE A 68 -11.70 -15.79 -13.51
CA PHE A 68 -11.49 -14.99 -12.30
C PHE A 68 -10.05 -15.14 -11.82
N LYS A 69 -9.14 -15.39 -12.76
CA LYS A 69 -7.72 -15.58 -12.48
C LYS A 69 -6.92 -14.31 -12.72
N ALA A 70 -6.27 -13.80 -11.67
CA ALA A 70 -5.36 -12.66 -11.81
C ALA A 70 -4.22 -12.96 -12.78
N THR A 71 -3.92 -14.25 -12.94
CA THR A 71 -2.83 -14.72 -13.79
C THR A 71 -3.27 -15.04 -15.22
N GLU A 72 -4.52 -14.70 -15.56
CA GLU A 72 -5.08 -14.99 -16.87
C GLU A 72 -4.28 -14.30 -17.98
N LYS A 73 -4.01 -15.04 -19.05
CA LYS A 73 -3.20 -14.53 -20.14
C LYS A 73 -3.93 -14.48 -21.48
N ASP A 74 -5.11 -15.11 -21.56
CA ASP A 74 -5.91 -15.08 -22.78
C ASP A 74 -6.61 -13.72 -22.86
N PRO A 75 -6.30 -12.92 -23.87
CA PRO A 75 -6.88 -11.57 -23.96
C PRO A 75 -8.39 -11.50 -24.20
N LYS A 76 -9.04 -12.60 -24.52
CA LYS A 76 -10.50 -12.58 -24.64
C LYS A 76 -11.18 -12.36 -23.28
N PHE A 77 -10.46 -12.59 -22.18
CA PHE A 77 -11.00 -12.39 -20.83
C PHE A 77 -10.76 -10.97 -20.32
N LEU A 78 -11.74 -10.42 -19.62
CA LEU A 78 -11.62 -9.08 -19.04
C LEU A 78 -10.55 -9.05 -17.97
N MET A 79 -10.39 -10.14 -17.22
CA MET A 79 -9.34 -10.22 -16.19
C MET A 79 -7.97 -9.87 -16.76
N THR A 80 -7.67 -10.35 -17.97
CA THR A 80 -6.39 -10.08 -18.65
C THR A 80 -6.15 -8.58 -18.87
N ALA A 81 -7.19 -7.88 -19.28
CA ALA A 81 -7.13 -6.46 -19.57
C ALA A 81 -6.76 -5.60 -18.34
N PHE A 82 -7.10 -6.07 -17.15
CA PHE A 82 -6.81 -5.36 -15.90
C PHE A 82 -5.58 -5.86 -15.13
N HIS A 83 -5.07 -7.06 -15.45
CA HIS A 83 -4.07 -7.74 -14.62
C HIS A 83 -2.77 -8.17 -15.31
N SER A 84 -2.75 -8.26 -16.64
CA SER A 84 -1.61 -8.90 -17.30
C SER A 84 -0.32 -8.07 -17.18
N LYS A 85 0.79 -8.64 -17.61
CA LYS A 85 2.10 -7.98 -17.49
C LYS A 85 2.27 -6.83 -18.50
N SER A 86 1.33 -6.71 -19.42
CA SER A 86 1.31 -5.63 -20.41
C SER A 86 1.17 -4.26 -19.75
N PRO A 87 1.84 -3.24 -20.31
CA PRO A 87 1.74 -1.86 -19.77
C PRO A 87 0.40 -1.17 -20.04
N MET A 88 -0.55 -1.89 -20.62
CA MET A 88 -1.90 -1.38 -20.85
C MET A 88 -2.89 -1.84 -19.76
N SER A 89 -2.47 -2.78 -18.91
CA SER A 89 -3.33 -3.24 -17.82
C SER A 89 -3.06 -2.42 -16.55
N CYS A 90 -4.00 -2.47 -15.61
CA CYS A 90 -3.86 -1.74 -14.35
C CYS A 90 -2.60 -2.17 -13.61
N GLN A 91 -2.52 -3.47 -13.35
CA GLN A 91 -1.40 -4.01 -12.59
C GLN A 91 -0.11 -3.89 -13.38
N GLY A 92 -0.19 -4.11 -14.68
CA GLY A 92 0.96 -4.15 -15.56
C GLY A 92 1.61 -2.80 -15.77
N CYS A 93 0.81 -1.75 -15.96
CA CYS A 93 1.37 -0.42 -16.10
C CYS A 93 2.00 0.06 -14.81
N HIS A 94 1.29 -0.09 -13.69
CA HIS A 94 1.82 0.34 -12.41
C HIS A 94 3.16 -0.35 -12.13
N LYS A 95 3.22 -1.65 -12.38
CA LYS A 95 4.44 -2.42 -12.10
C LYS A 95 5.57 -2.09 -13.08
N GLU A 96 5.26 -1.88 -14.36
CA GLU A 96 6.28 -1.43 -15.32
C GLU A 96 6.85 -0.07 -14.93
N MET A 97 5.99 0.86 -14.52
CA MET A 97 6.45 2.18 -14.10
C MET A 97 7.29 2.08 -12.82
N LYS A 98 7.02 1.07 -12.00
CA LYS A 98 7.81 0.83 -10.79
C LYS A 98 9.20 0.25 -11.04
N THR A 99 9.50 -0.14 -12.27
CA THR A 99 10.79 -0.76 -12.61
C THR A 99 11.97 0.14 -12.26
N ALA A 100 11.84 1.43 -12.53
CA ALA A 100 12.80 2.46 -12.10
C ALA A 100 12.14 3.45 -11.13
N LYS A 101 11.07 3.00 -10.49
CA LYS A 101 10.37 3.73 -9.43
C LYS A 101 9.90 5.13 -9.86
N LYS A 102 9.29 5.18 -11.03
CA LYS A 102 8.53 6.35 -11.44
C LYS A 102 7.25 6.42 -10.62
N THR A 103 6.74 7.63 -10.43
CA THR A 103 5.51 7.84 -9.70
C THR A 103 4.38 7.13 -10.43
N THR A 104 3.61 6.33 -9.69
CA THR A 104 2.58 5.49 -10.31
C THR A 104 1.55 5.01 -9.28
N GLY A 105 0.59 4.20 -9.75
CA GLY A 105 -0.49 3.71 -8.90
C GLY A 105 -0.11 2.45 -8.11
N PRO A 106 -1.07 1.96 -7.33
CA PRO A 106 -0.82 0.81 -6.46
C PRO A 106 -0.49 -0.47 -7.22
N THR A 107 0.54 -1.19 -6.76
CA THR A 107 0.95 -2.45 -7.39
C THR A 107 0.44 -3.69 -6.67
N ALA A 108 0.09 -3.55 -5.39
CA ALA A 108 -0.37 -4.66 -4.56
C ALA A 108 -1.87 -4.90 -4.77
N CYS A 109 -2.29 -6.16 -4.74
CA CYS A 109 -3.69 -6.52 -5.01
C CYS A 109 -4.66 -5.71 -4.16
N ALA A 110 -4.47 -5.76 -2.85
CA ALA A 110 -5.40 -5.17 -1.88
C ALA A 110 -5.42 -3.64 -1.93
N GLN A 111 -4.27 -3.04 -2.23
CA GLN A 111 -4.16 -1.58 -2.30
C GLN A 111 -4.93 -1.02 -3.50
N CYS A 112 -4.99 -1.78 -4.59
CA CYS A 112 -5.73 -1.35 -5.75
C CYS A 112 -7.23 -1.67 -5.60
N HIS A 113 -7.56 -2.87 -5.14
CA HIS A 113 -8.97 -3.26 -5.01
C HIS A 113 -9.68 -2.46 -3.92
N ASN A 114 -8.91 -2.19 -2.86
CA ASN A 114 -9.30 -1.57 -1.57
C ASN A 114 -10.06 -2.46 -0.58
N PRO B 1 2.68 -10.89 28.79
CA PRO B 1 1.23 -11.15 28.55
C PRO B 1 0.09 -10.20 28.22
N GLN B 2 0.14 -8.98 28.71
CA GLN B 2 -0.89 -7.99 28.48
C GLN B 2 -1.04 -7.62 27.00
N VAL B 3 -2.28 -7.47 26.56
CA VAL B 3 -2.59 -6.83 25.29
C VAL B 3 -3.25 -5.49 25.63
N PRO B 4 -2.48 -4.40 25.61
CA PRO B 4 -3.05 -3.06 25.80
C PRO B 4 -4.01 -2.65 24.69
N ALA B 5 -4.84 -1.66 24.99
CA ALA B 5 -5.74 -1.04 24.03
C ALA B 5 -4.96 -0.49 22.83
N ASP B 6 -5.62 -0.46 21.67
CA ASP B 6 -5.09 0.23 20.50
C ASP B 6 -4.82 1.69 20.88
N VAL B 7 -3.75 2.25 20.31
CA VAL B 7 -3.35 3.62 20.59
C VAL B 7 -3.11 4.40 19.31
N VAL B 8 -3.02 5.72 19.44
CA VAL B 8 -2.51 6.55 18.38
C VAL B 8 -1.18 7.09 18.87
N ILE B 9 -0.11 6.66 18.22
CA ILE B 9 1.23 7.15 18.53
C ILE B 9 1.40 8.56 17.97
N ASP B 10 1.57 9.52 18.87
CA ASP B 10 1.65 10.94 18.51
C ASP B 10 2.49 11.69 19.53
N HIS B 11 3.79 11.43 19.50
CA HIS B 11 4.77 12.07 20.37
C HIS B 11 5.51 13.23 19.72
N LEU B 12 5.49 13.29 18.39
CA LEU B 12 6.24 14.27 17.61
C LEU B 12 5.30 15.35 17.04
N SER B 13 5.81 16.57 16.91
CA SER B 13 5.04 17.67 16.32
C SER B 13 5.90 18.35 15.26
N ASN B 14 5.90 17.79 14.05
CA ASN B 14 6.69 18.33 12.95
C ASN B 14 6.34 19.81 12.75
N PRO B 15 7.31 20.72 12.89
CA PRO B 15 7.03 22.14 12.60
C PRO B 15 6.53 22.36 11.18
N ASN B 16 6.89 21.48 10.26
CA ASN B 16 6.19 21.40 8.97
C ASN B 16 4.88 20.64 9.16
N ALA B 17 3.76 21.36 9.22
CA ALA B 17 2.45 20.73 9.53
C ALA B 17 2.01 19.69 8.51
N LYS B 18 2.46 19.84 7.26
CA LYS B 18 2.14 18.87 6.22
C LYS B 18 2.73 17.49 6.51
N LEU B 19 3.82 17.45 7.27
CA LEU B 19 4.55 16.21 7.56
C LEU B 19 4.43 15.80 9.02
N GLU B 20 3.37 16.24 9.68
CA GLU B 20 3.05 15.80 11.03
C GLU B 20 2.09 14.62 10.91
N TYR B 21 2.37 13.53 11.62
CA TYR B 21 1.55 12.32 11.55
C TYR B 21 1.11 11.83 12.93
N LYS B 22 0.01 11.10 12.94
CA LYS B 22 -0.52 10.49 14.15
C LYS B 22 -0.89 9.07 13.74
N VAL B 23 -0.19 8.09 14.30
CA VAL B 23 -0.08 6.77 13.67
C VAL B 23 -0.69 5.70 14.56
N LYS B 24 -1.74 5.04 14.06
CA LYS B 24 -2.41 4.01 14.81
C LYS B 24 -1.51 2.78 15.02
N PHE B 25 -1.57 2.21 16.22
CA PHE B 25 -0.80 1.02 16.56
C PHE B 25 -1.61 0.09 17.45
N SER B 26 -1.74 -1.16 17.01
CA SER B 26 -2.56 -2.15 17.69
C SER B 26 -1.68 -3.31 18.16
N HIS B 27 -1.57 -3.46 19.48
CA HIS B 27 -0.91 -4.63 20.03
C HIS B 27 -1.66 -5.91 19.64
N LYS B 28 -2.99 -5.84 19.63
CA LYS B 28 -3.82 -6.99 19.27
C LYS B 28 -3.51 -7.48 17.86
N ALA B 29 -3.37 -6.54 16.92
CA ALA B 29 -3.08 -6.88 15.53
C ALA B 29 -1.75 -7.61 15.39
N HIS B 30 -0.81 -7.33 16.28
CA HIS B 30 0.53 -7.91 16.23
C HIS B 30 0.67 -9.28 16.92
N ALA B 31 -0.47 -9.93 17.20
CA ALA B 31 -0.47 -11.23 17.90
C ALA B 31 0.22 -12.33 17.12
N SER B 32 0.28 -12.20 15.80
CA SER B 32 0.98 -13.16 14.95
C SER B 32 2.50 -13.24 15.22
N LEU B 33 3.06 -12.22 15.88
CA LEU B 33 4.45 -12.25 16.31
C LEU B 33 4.64 -13.14 17.55
N GLY B 34 3.53 -13.53 18.15
CA GLY B 34 3.51 -14.22 19.43
C GLY B 34 2.80 -13.39 20.48
N THR B 35 2.29 -14.08 21.50
CA THR B 35 1.57 -13.47 22.61
C THR B 35 2.31 -13.68 23.94
N ASP B 36 3.54 -14.21 23.84
CA ASP B 36 4.38 -14.54 25.00
C ASP B 36 5.39 -13.42 25.26
N ALA B 37 6.19 -13.56 26.33
CA ALA B 37 7.18 -12.53 26.69
C ALA B 37 8.24 -12.31 25.61
N ALA B 38 8.66 -13.39 24.95
CA ALA B 38 9.62 -13.29 23.85
C ALA B 38 9.12 -12.33 22.76
N ALA B 39 7.81 -12.38 22.49
CA ALA B 39 7.19 -11.54 21.47
C ALA B 39 7.25 -10.08 21.89
N CYS B 40 6.93 -9.81 23.16
CA CYS B 40 7.08 -8.45 23.68
C CYS B 40 8.47 -7.91 23.40
N GLN B 41 9.49 -8.74 23.62
CA GLN B 41 10.89 -8.33 23.51
C GLN B 41 11.32 -8.02 22.08
N LYS B 42 10.53 -8.43 21.09
CA LYS B 42 10.86 -8.10 19.70
C LYS B 42 10.81 -6.58 19.43
N CYS B 43 10.01 -5.87 20.23
CA CYS B 43 9.93 -4.43 20.16
C CYS B 43 10.45 -3.75 21.43
N HIS B 44 10.01 -4.25 22.58
CA HIS B 44 10.51 -3.79 23.87
C HIS B 44 11.81 -4.51 24.16
N HIS B 45 12.84 -4.18 23.37
CA HIS B 45 14.08 -4.94 23.32
C HIS B 45 14.99 -4.78 24.55
N LYS B 46 14.77 -3.74 25.35
CA LYS B 46 15.48 -3.56 26.63
C LYS B 46 14.74 -4.15 27.83
N TRP B 47 13.54 -4.67 27.62
CA TRP B 47 12.76 -5.28 28.70
C TRP B 47 13.49 -6.50 29.26
N ASP B 48 13.52 -6.65 30.58
CA ASP B 48 14.20 -7.80 31.19
C ASP B 48 13.34 -9.08 31.25
N GLY B 49 12.11 -8.99 30.74
CA GLY B 49 11.20 -10.14 30.70
C GLY B 49 10.39 -10.33 31.97
N LYS B 50 10.59 -9.45 32.96
CA LYS B 50 9.98 -9.60 34.28
C LYS B 50 9.33 -8.33 34.83
N SER B 51 9.95 -7.17 34.61
CA SER B 51 9.47 -5.91 35.15
C SER B 51 8.23 -5.41 34.43
N GLU B 52 7.70 -4.28 34.89
CA GLU B 52 6.69 -3.56 34.15
C GLU B 52 7.26 -3.18 32.78
N ILE B 53 6.37 -2.89 31.85
CA ILE B 53 6.76 -2.47 30.51
C ILE B 53 6.25 -1.06 30.28
N GLY B 54 7.11 -0.25 29.68
CA GLY B 54 6.81 1.15 29.38
C GLY B 54 6.97 1.45 27.90
N GLY B 55 6.93 2.74 27.58
CA GLY B 55 7.06 3.22 26.22
C GLY B 55 8.50 3.26 25.75
N CYS B 56 8.72 3.98 24.66
CA CYS B 56 9.99 3.99 23.96
C CYS B 56 10.80 5.25 24.20
N ALA B 57 10.16 6.29 24.74
CA ALA B 57 10.72 7.65 24.70
C ALA B 57 11.10 8.24 26.07
N THR B 58 11.33 7.38 27.05
CA THR B 58 11.71 7.85 28.40
C THR B 58 13.18 8.22 28.44
N GLU B 59 13.59 8.84 29.56
CA GLU B 59 14.99 9.19 29.80
C GLU B 59 15.93 7.99 29.65
N GLY B 60 16.96 8.15 28.82
CA GLY B 60 17.94 7.11 28.59
C GLY B 60 17.59 6.19 27.44
N CYS B 61 16.44 6.45 26.83
CA CYS B 61 15.91 5.64 25.73
C CYS B 61 15.77 6.55 24.50
N HIS B 62 14.63 6.55 23.81
CA HIS B 62 14.47 7.32 22.57
C HIS B 62 13.75 8.64 22.85
N ALA B 63 14.36 9.44 23.71
CA ALA B 63 13.69 10.60 24.31
C ALA B 63 13.71 11.86 23.45
N ASP B 64 14.58 11.89 22.43
CA ASP B 64 14.78 13.12 21.65
C ASP B 64 13.77 13.23 20.49
N THR B 65 12.89 14.20 20.59
CA THR B 65 11.82 14.41 19.62
C THR B 65 12.12 15.57 18.68
N THR B 66 13.39 15.88 18.47
CA THR B 66 13.78 17.07 17.68
C THR B 66 14.45 16.75 16.34
N SER B 67 14.63 15.47 16.02
CA SER B 67 14.88 15.08 14.63
C SER B 67 13.55 14.71 13.98
N PHE B 68 13.36 15.15 12.74
CA PHE B 68 12.17 14.83 11.96
C PHE B 68 12.54 14.14 10.64
N LYS B 69 13.69 13.46 10.66
CA LYS B 69 14.21 12.75 9.50
C LYS B 69 13.83 11.27 9.57
N ALA B 70 13.12 10.78 8.55
CA ALA B 70 12.84 9.35 8.41
C ALA B 70 14.12 8.53 8.30
N THR B 71 15.20 9.16 7.84
CA THR B 71 16.50 8.51 7.65
C THR B 71 17.38 8.60 8.90
N GLU B 72 16.83 9.07 10.02
CA GLU B 72 17.63 9.25 11.24
C GLU B 72 18.19 7.90 11.74
N LYS B 73 19.47 7.90 12.09
CA LYS B 73 20.16 6.69 12.55
C LYS B 73 20.67 6.76 13.99
N ASP B 74 20.76 7.96 14.55
CA ASP B 74 21.20 8.13 15.94
C ASP B 74 20.08 7.64 16.85
N PRO B 75 20.31 6.59 17.63
CA PRO B 75 19.25 6.03 18.47
C PRO B 75 18.75 6.91 19.64
N LYS B 76 19.38 8.05 19.91
CA LYS B 76 18.84 8.98 20.89
C LYS B 76 17.50 9.59 20.43
N PHE B 77 17.24 9.58 19.12
CA PHE B 77 16.03 10.14 18.55
C PHE B 77 14.89 9.13 18.51
N LEU B 78 13.69 9.59 18.83
CA LEU B 78 12.50 8.75 18.70
C LEU B 78 12.27 8.32 17.25
N MET B 79 12.60 9.19 16.30
CA MET B 79 12.40 8.90 14.88
C MET B 79 13.10 7.60 14.48
N THR B 80 14.30 7.40 15.01
CA THR B 80 15.10 6.21 14.76
C THR B 80 14.38 4.91 15.17
N ALA B 81 13.74 4.97 16.34
CA ALA B 81 13.01 3.84 16.90
C ALA B 81 11.85 3.35 16.03
N PHE B 82 11.24 4.26 15.26
CA PHE B 82 10.11 3.90 14.41
C PHE B 82 10.47 3.66 12.93
N HIS B 83 11.67 4.05 12.51
CA HIS B 83 12.01 4.09 11.09
C HIS B 83 13.28 3.39 10.62
N SER B 84 14.23 3.08 11.49
CA SER B 84 15.53 2.60 11.03
C SER B 84 15.41 1.24 10.36
N LYS B 85 16.49 0.82 9.71
CA LYS B 85 16.57 -0.50 9.08
C LYS B 85 16.54 -1.69 10.06
N SER B 86 16.68 -1.42 11.35
CA SER B 86 16.55 -2.44 12.40
C SER B 86 15.18 -3.12 12.40
N PRO B 87 15.10 -4.42 12.68
CA PRO B 87 13.80 -5.10 12.74
C PRO B 87 13.03 -4.83 14.04
N MET B 88 13.52 -3.91 14.85
CA MET B 88 12.82 -3.47 16.06
C MET B 88 12.02 -2.18 15.76
N SER B 89 12.22 -1.60 14.58
CA SER B 89 11.48 -0.40 14.16
C SER B 89 10.26 -0.79 13.32
N CYS B 90 9.28 0.10 13.26
CA CYS B 90 8.07 -0.14 12.47
C CYS B 90 8.39 -0.43 11.02
N GLN B 91 9.14 0.49 10.40
CA GLN B 91 9.46 0.38 8.99
C GLN B 91 10.39 -0.80 8.73
N GLY B 92 11.39 -0.97 9.59
CA GLY B 92 12.40 -1.98 9.40
C GLY B 92 11.87 -3.40 9.49
N CYS B 93 11.06 -3.68 10.49
CA CYS B 93 10.45 -5.00 10.59
C CYS B 93 9.52 -5.28 9.43
N HIS B 94 8.62 -4.35 9.13
CA HIS B 94 7.66 -4.58 8.06
C HIS B 94 8.41 -4.87 6.74
N LYS B 95 9.47 -4.12 6.47
CA LYS B 95 10.22 -4.30 5.22
C LYS B 95 10.99 -5.63 5.21
N GLU B 96 11.54 -6.01 6.35
CA GLU B 96 12.27 -7.29 6.51
C GLU B 96 11.34 -8.46 6.26
N MET B 97 10.12 -8.36 6.79
CA MET B 97 9.13 -9.42 6.65
C MET B 97 8.55 -9.46 5.24
N LYS B 98 8.39 -8.31 4.59
CA LYS B 98 7.83 -8.23 3.23
C LYS B 98 8.83 -8.77 2.20
N THR B 99 10.10 -8.48 2.44
CA THR B 99 11.23 -9.13 1.77
C THR B 99 11.06 -10.65 1.77
N ALA B 100 10.73 -11.20 2.95
CA ALA B 100 10.61 -12.64 3.15
C ALA B 100 9.21 -13.19 2.79
N LYS B 101 8.37 -12.33 2.21
CA LYS B 101 7.02 -12.67 1.77
C LYS B 101 6.15 -13.29 2.86
N LYS B 102 6.33 -12.79 4.09
CA LYS B 102 5.48 -13.15 5.22
C LYS B 102 4.47 -12.04 5.44
N THR B 103 3.30 -12.39 5.96
CA THR B 103 2.27 -11.41 6.26
C THR B 103 2.86 -10.38 7.24
N THR B 104 2.65 -9.11 6.92
CA THR B 104 3.22 -8.03 7.73
C THR B 104 2.48 -6.68 7.52
N GLY B 105 2.94 -5.65 8.22
CA GLY B 105 2.28 -4.36 8.17
C GLY B 105 2.75 -3.50 7.02
N PRO B 106 2.19 -2.30 6.92
CA PRO B 106 2.52 -1.40 5.80
C PRO B 106 3.99 -1.00 5.76
N THR B 107 4.56 -1.01 4.55
CA THR B 107 5.96 -0.67 4.33
C THR B 107 6.15 0.75 3.78
N ALA B 108 5.14 1.27 3.09
CA ALA B 108 5.21 2.61 2.47
C ALA B 108 4.85 3.70 3.49
N CYS B 109 5.42 4.88 3.33
CA CYS B 109 5.26 5.97 4.30
C CYS B 109 3.79 6.31 4.57
N ALA B 110 3.07 6.59 3.49
CA ALA B 110 1.68 7.02 3.55
C ALA B 110 0.75 5.91 4.05
N GLN B 111 1.06 4.66 3.72
CA GLN B 111 0.22 3.55 4.14
C GLN B 111 0.28 3.35 5.65
N CYS B 112 1.45 3.59 6.24
CA CYS B 112 1.59 3.49 7.69
C CYS B 112 1.05 4.71 8.43
N HIS B 113 1.40 5.91 7.99
CA HIS B 113 0.99 7.13 8.69
C HIS B 113 -0.51 7.36 8.61
N ASN B 114 -1.09 7.05 7.45
CA ASN B 114 -2.50 7.33 7.16
C ASN B 114 -3.28 6.04 6.96
N GLN B 115 -3.61 5.37 8.05
CA GLN B 115 -4.33 4.11 7.96
C GLN B 115 -5.83 4.35 7.75
FE HEC C . -10.78 6.21 -20.42
CHA HEC C . -13.74 4.49 -19.76
CHB HEC C . -12.54 8.48 -22.24
CHC HEC C . -7.87 8.03 -20.99
CHD HEC C . -9.00 3.87 -18.75
NA HEC C . -12.76 6.43 -20.89
C1A HEC C . -13.81 5.63 -20.52
C2A HEC C . -15.03 6.20 -21.06
C3A HEC C . -14.70 7.30 -21.75
C4A HEC C . -13.27 7.47 -21.65
CMA HEC C . -15.67 8.23 -22.51
CAA HEC C . -16.44 5.63 -20.88
CBA HEC C . -16.60 4.47 -21.85
CGA HEC C . -17.84 3.71 -21.48
O1A HEC C . -18.91 4.02 -22.05
O2A HEC C . -17.74 2.80 -20.61
NB HEC C . -10.29 7.92 -21.41
C1B HEC C . -11.19 8.70 -22.11
C2B HEC C . -10.45 9.81 -22.68
C3B HEC C . -9.16 9.69 -22.32
C4B HEC C . -9.04 8.50 -21.52
CMB HEC C . -11.09 10.92 -23.56
CAB HEC C . -7.95 10.60 -22.69
CBB HEC C . -8.11 11.89 -22.33
NC HEC C . -8.85 6.00 -20.00
C1C HEC C . -7.79 6.87 -20.28
C2C HEC C . -6.59 6.37 -19.65
C3C HEC C . -6.92 5.21 -19.06
C4C HEC C . -8.33 4.96 -19.26
CMC HEC C . -5.19 7.03 -19.77
CAC HEC C . -5.99 4.24 -18.28
CBC HEC C . -5.24 4.85 -17.35
ND HEC C . -11.31 4.49 -19.40
C1D HEC C . -10.35 3.63 -18.85
C2D HEC C . -10.99 2.43 -18.38
C3D HEC C . -12.47 2.63 -18.70
C4D HEC C . -12.58 3.92 -19.32
CMD HEC C . -10.36 1.21 -17.69
CAD HEC C . -13.58 1.63 -18.40
CBD HEC C . -13.93 1.71 -16.93
CGD HEC C . -15.10 0.79 -16.71
O1D HEC C . -15.05 -0.36 -17.22
O2D HEC C . -16.07 1.22 -16.02
FE HEC D . -7.42 -4.49 -25.24
CHA HEC D . -4.76 -6.55 -25.85
CHB HEC D . -6.23 -3.80 -22.12
CHC HEC D . -9.94 -2.11 -24.78
CHD HEC D . -9.04 -5.64 -27.98
NA HEC D . -5.78 -5.04 -24.21
C1A HEC D . -4.83 -5.95 -24.61
C2A HEC D . -3.91 -6.18 -23.51
C3A HEC D . -4.32 -5.42 -22.48
C4A HEC D . -5.51 -4.69 -22.90
CMA HEC D . -3.64 -5.34 -21.10
CAA HEC D . -2.70 -7.12 -23.52
CBA HEC D . -3.11 -8.49 -23.02
CGA HEC D . -1.90 -9.37 -22.91
O1A HEC D . -1.50 -9.99 -23.94
O2A HEC D . -1.32 -9.47 -21.80
NB HEC D . -7.98 -3.19 -23.75
C1B HEC D . -7.33 -3.08 -22.53
C2B HEC D . -8.00 -2.04 -21.77
C3B HEC D . -9.03 -1.60 -22.51
C4B HEC D . -9.03 -2.30 -23.77
CMB HEC D . -7.62 -1.60 -20.34
CAB HEC D . -10.08 -0.49 -22.17
CBB HEC D . -9.54 0.68 -21.77
NC HEC D . -9.20 -3.99 -26.16
C1C HEC D . -10.02 -2.92 -25.90
C2C HEC D . -10.94 -2.77 -27.01
C3C HEC D . -10.68 -3.75 -27.92
C4C HEC D . -9.59 -4.54 -27.37
CMC HEC D . -12.01 -1.66 -27.10
CAC HEC D . -11.36 -4.07 -29.28
CBC HEC D . -11.61 -3.03 -30.10
ND HEC D . -6.97 -5.88 -26.68
C1D HEC D . -7.82 -6.19 -27.73
C2D HEC D . -7.20 -7.21 -28.55
C3D HEC D . -5.86 -7.50 -27.89
C4D HEC D . -5.80 -6.63 -26.74
CMD HEC D . -7.78 -7.87 -29.82
CAD HEC D . -4.79 -8.51 -28.34
CBD HEC D . -3.59 -7.78 -28.90
CGD HEC D . -3.92 -7.09 -30.20
O1D HEC D . -4.39 -7.78 -31.14
O2D HEC D . -3.71 -5.86 -30.29
FE HEC E . -3.35 3.77 -12.53
CHA HEC E . -2.46 6.09 -10.17
CHB HEC E . -5.78 2.52 -10.37
CHC HEC E . -4.42 1.69 -14.94
CHD HEC E . -0.71 4.71 -14.51
NA HEC E . -3.97 4.20 -10.65
C1A HEC E . -3.49 5.22 -9.85
C2A HEC E . -4.23 5.23 -8.61
C3A HEC E . -5.13 4.25 -8.68
C4A HEC E . -5.00 3.58 -9.94
CMA HEC E . -6.16 3.88 -7.59
CAA HEC E . -4.01 6.21 -7.45
CBA HEC E . -4.94 7.40 -7.70
CGA HEC E . -4.76 8.48 -6.68
O1A HEC E . -3.62 8.77 -6.26
O2A HEC E . -5.79 9.08 -6.27
NB HEC E . -4.79 2.35 -12.60
C1B HEC E . -5.75 2.04 -11.65
C2B HEC E . -6.72 1.16 -12.26
C3B HEC E . -6.35 0.94 -13.52
C4B HEC E . -5.14 1.69 -13.77
CMB HEC E . -7.95 0.57 -11.54
CAB HEC E . -7.06 0.06 -14.59
CBB HEC E . -8.36 0.38 -14.81
NC HEC E . -2.67 3.28 -14.36
C1C HEC E . -3.29 2.39 -15.21
C2C HEC E . -2.51 2.30 -16.43
C3C HEC E . -1.52 3.20 -16.36
C4C HEC E . -1.57 3.79 -15.03
CMC HEC E . -2.93 1.45 -17.65
CAC HEC E . -0.41 3.55 -17.38
CBC HEC E . -0.68 3.28 -18.68
ND HEC E . -1.83 5.16 -12.36
C1D HEC E . -0.85 5.39 -13.34
C2D HEC E . -0.03 6.50 -12.91
C3D HEC E . -0.57 6.91 -11.57
C4D HEC E . -1.70 6.04 -11.29
CMD HEC E . 1.18 7.15 -13.62
CAD HEC E . -0.01 8.04 -10.71
CBD HEC E . -0.72 9.34 -11.09
CGD HEC E . 0.02 10.46 -10.42
O1D HEC E . 0.53 11.36 -11.15
O2D HEC E . 0.10 10.48 -9.17
FE HEC F . -7.48 -7.43 -9.40
CHA HEC F . -10.73 -7.83 -10.37
CHB HEC F . -7.40 -10.67 -8.26
CHC HEC F . -4.23 -7.03 -8.44
CHD HEC F . -7.52 -4.14 -10.47
NA HEC F . -8.81 -8.95 -9.34
C1A HEC F . -10.11 -8.91 -9.77
C2A HEC F . -10.73 -10.19 -9.51
C3A HEC F . -9.82 -10.98 -8.93
C4A HEC F . -8.59 -10.22 -8.81
CMA HEC F . -9.99 -12.44 -8.46
CAA HEC F . -12.21 -10.51 -9.86
CBA HEC F . -13.08 -9.64 -8.94
CGA HEC F . -14.55 -9.80 -9.15
O1A HEC F . -15.00 -10.84 -9.69
O2A HEC F . -15.30 -8.87 -8.75
NB HEC F . -6.08 -8.63 -8.53
C1B HEC F . -6.24 -9.94 -8.16
C2B HEC F . -4.97 -10.43 -7.66
C3B HEC F . -4.09 -9.42 -7.70
C4B HEC F . -4.78 -8.26 -8.25
CMB HEC F . -4.73 -11.86 -7.12
CAB HEC F . -2.60 -9.43 -7.29
CBB HEC F . -1.93 -10.53 -7.70
NC HEC F . -6.13 -5.89 -9.44
C1C HEC F . -4.86 -5.92 -8.96
C2C HEC F . -4.23 -4.64 -9.21
C3C HEC F . -5.16 -3.83 -9.70
C4C HEC F . -6.36 -4.61 -9.90
CMC HEC F . -2.82 -4.25 -8.71
CAC HEC F . -5.05 -2.33 -10.11
CBC HEC F . -3.82 -1.81 -10.30
ND HEC F . -8.89 -6.17 -10.23
C1D HEC F . -8.65 -4.88 -10.69
C2D HEC F . -9.81 -4.41 -11.42
C3D HEC F . -10.80 -5.55 -11.39
C4D HEC F . -10.16 -6.60 -10.62
CMD HEC F . -10.00 -3.03 -12.10
CAD HEC F . -12.20 -5.56 -12.06
CBD HEC F . -13.32 -5.61 -11.02
CGD HEC F . -14.64 -5.82 -11.71
O1D HEC F . -14.79 -5.40 -12.88
O2D HEC F . -15.57 -6.39 -11.10
CA CA G . -16.74 -7.01 -9.21
FE HEC H . 4.08 -2.94 23.61
CHA HEC H . 3.64 0.35 24.55
CHB HEC H . 3.12 -3.94 26.75
CHC HEC H . 4.33 -6.23 22.64
CHD HEC H . 5.35 -1.98 20.58
NA HEC H . 3.49 -1.97 25.33
C1A HEC H . 3.35 -0.60 25.50
C2A HEC H . 2.86 -0.36 26.84
C3A HEC H . 2.71 -1.55 27.43
C4A HEC H . 3.12 -2.58 26.50
CMA HEC H . 2.21 -1.83 28.87
CAA HEC H . 2.52 1.04 27.44
CBA HEC H . 3.77 1.71 28.00
CGA HEC H . 3.43 2.92 28.84
O1A HEC H . 3.19 2.75 30.07
O2A HEC H . 3.41 4.07 28.31
NB HEC H . 3.79 -4.72 24.52
C1B HEC H . 3.40 -4.92 25.83
C2B HEC H . 3.31 -6.34 26.08
C3B HEC H . 3.64 -6.98 24.94
C4B HEC H . 3.96 -5.98 23.95
CMB HEC H . 2.90 -6.95 27.44
CAB HEC H . 3.69 -8.51 24.67
CBB HEC H . 2.61 -9.20 25.08
NC HEC H . 4.75 -3.91 21.97
C1C HEC H . 4.68 -5.27 21.73
C2C HEC H . 5.06 -5.52 20.36
C3C HEC H . 5.33 -4.35 19.79
C4C HEC H . 5.14 -3.31 20.78
CMC HEC H . 5.12 -6.92 19.71
CAC HEC H . 5.78 -4.05 18.33
CBC HEC H . 5.15 -4.78 17.39
ND HEC H . 4.44 -1.13 22.71
C1D HEC H . 4.99 -0.97 21.45
C2D HEC H . 5.15 0.42 21.15
C3D HEC H . 4.62 1.14 22.39
C4D HEC H . 4.20 0.12 23.31
CMD HEC H . 5.71 1.08 19.88
CAD HEC H . 4.58 2.66 22.56
CBD HEC H . 3.31 3.20 21.93
CGD HEC H . 3.26 4.71 22.10
O1D HEC H . 4.30 5.37 21.90
O2D HEC H . 2.16 5.22 22.44
FE HEC I . 15.28 1.11 21.71
CHA HEC I . 18.17 0.76 19.79
CHB HEC I . 13.38 0.75 18.93
CHC HEC I . 12.43 1.03 23.69
CHD HEC I . 17.10 2.19 24.32
NA HEC I . 15.70 0.81 19.75
C1A HEC I . 16.94 0.71 19.15
C2A HEC I . 16.75 0.53 17.74
C3A HEC I . 15.45 0.52 17.49
C4A HEC I . 14.75 0.70 18.76
CMA HEC I . 14.79 0.37 16.11
CAA HEC I . 17.88 0.34 16.71
CBA HEC I . 18.26 1.68 16.10
CGA HEC I . 19.30 1.38 15.05
O1A HEC I . 20.48 1.21 15.41
O2A HEC I . 18.93 1.30 13.85
NB HEC I . 13.27 0.90 21.40
C1B HEC I . 12.71 0.79 20.14
C2B HEC I . 11.29 0.66 20.33
C3B HEC I . 11.01 0.76 21.64
C4B HEC I . 12.27 0.90 22.33
CMB HEC I . 10.25 0.54 19.18
CAB HEC I . 9.63 0.70 22.34
CBB HEC I . 8.90 -0.40 22.04
NC HEC I . 14.83 1.60 23.62
C1C HEC I . 13.63 1.36 24.29
C2C HEC I . 13.85 1.52 25.71
C3C HEC I . 15.16 1.82 25.88
C4C HEC I . 15.78 1.89 24.58
CMC HEC I . 12.76 1.31 26.77
CAC HEC I . 15.93 2.08 27.21
CBC HEC I . 15.64 1.27 28.25
ND HEC I . 17.34 1.39 22.00
C1D HEC I . 17.82 1.94 23.19
C2D HEC I . 19.24 2.21 23.03
C3D HEC I . 19.58 1.77 21.62
C4D HEC I . 18.34 1.27 21.05
CMD HEC I . 20.22 2.82 24.05
CAD HEC I . 20.98 1.85 20.99
CBD HEC I . 21.62 0.46 21.02
CGD HEC I . 21.92 0.02 22.43
O1D HEC I . 22.66 0.74 23.14
O2D HEC I . 21.43 -1.05 22.81
FE HEC J . 3.50 -3.82 12.55
CHA HEC J . 0.81 -5.29 11.04
CHB HEC J . 1.91 -0.75 12.34
CHC HEC J . 6.04 -2.37 14.32
CHD HEC J . 5.26 -6.78 12.53
NA HEC J . 1.73 -3.14 11.83
C1A HEC J . 0.75 -3.94 11.26
C2A HEC J . -0.38 -3.10 10.90
C3A HEC J . -0.08 -1.85 11.25
C4A HEC J . 1.24 -1.84 11.85
CMA HEC J . -0.98 -0.60 11.07
CAA HEC J . -1.68 -3.59 10.24
CBA HEC J . -2.53 -4.21 11.34
CGA HEC J . -3.93 -4.49 10.85
O1A HEC J . -4.09 -5.30 9.90
O2A HEC J . -4.89 -3.90 11.42
NB HEC J . 3.89 -1.92 13.21
C1B HEC J . 3.08 -0.80 13.07
C2B HEC J . 3.69 0.29 13.82
C3B HEC J . 4.82 -0.17 14.37
C4B HEC J . 4.98 -1.56 13.99
CMB HEC J . 3.09 1.71 13.90
CAB HEC J . 5.83 0.58 15.27
CBB HEC J . 5.28 1.13 16.37
NC HEC J . 5.33 -4.45 13.27
C1C HEC J . 6.22 -3.68 13.98
C2C HEC J . 7.35 -4.50 14.32
C3C HEC J . 7.14 -5.74 13.84
C4C HEC J . 5.86 -5.72 13.17
CMC HEC J . 8.59 -4.01 15.10
CAC HEC J . 8.03 -7.01 13.92
CBC HEC J . 8.92 -7.08 14.93
ND HEC J . 3.10 -5.70 11.87
C1D HEC J . 3.97 -6.79 12.02
C2D HEC J . 3.31 -7.97 11.55
C3D HEC J . 1.94 -7.53 11.08
C4D HEC J . 1.90 -6.10 11.31
CMD HEC J . 3.87 -9.41 11.52
CAD HEC J . 0.86 -8.44 10.48
CBD HEC J . -0.18 -8.81 11.53
CGD HEC J . -1.02 -9.96 11.02
O1D HEC J . -0.70 -11.13 11.33
O2D HEC J . -2.01 -9.69 10.29
FE HEC K . 7.05 7.74 9.64
CHA HEC K . 6.60 9.82 12.28
CHB HEC K . 8.47 10.31 7.86
CHC HEC K . 7.59 5.64 7.01
CHD HEC K . 5.59 5.12 11.36
NA HEC K . 7.47 9.69 10.02
C1A HEC K . 7.15 10.38 11.16
C2A HEC K . 7.51 11.76 11.00
C3A HEC K . 8.03 11.89 9.77
C4A HEC K . 8.00 10.60 9.13
CMA HEC K . 8.54 13.18 9.11
CAA HEC K . 7.29 12.86 12.07
CBA HEC K . 5.78 13.08 12.20
CGA HEC K . 5.42 14.06 13.28
O1A HEC K . 6.26 14.95 13.62
O2A HEC K . 4.29 13.96 13.81
NB HEC K . 7.89 7.94 7.80
C1B HEC K . 8.42 9.08 7.25
C2B HEC K . 8.93 8.75 5.92
C3B HEC K . 8.68 7.45 5.70
C4B HEC K . 8.03 6.93 6.87
CMB HEC K . 9.61 9.72 4.94
CAB HEC K . 9.04 6.61 4.45
CBB HEC K . 10.33 6.67 4.09
NC HEC K . 6.64 5.79 9.27
C1C HEC K . 6.94 5.13 8.10
C2C HEC K . 6.43 3.78 8.17
C3C HEC K . 5.93 3.59 9.40
C4C HEC K . 6.04 4.87 10.10
CMC HEC K . 6.62 2.71 7.08
CAC HEC K . 5.27 2.34 10.03
CBC HEC K . 5.50 1.15 9.47
ND HEC K . 6.21 7.50 11.47
C1D HEC K . 5.74 6.31 12.03
C2D HEC K . 5.41 6.53 13.41
C3D HEC K . 5.73 7.98 13.67
C4D HEC K . 6.21 8.52 12.43
CMD HEC K . 4.86 5.52 14.43
CAD HEC K . 5.58 8.72 15.02
CBD HEC K . 4.47 9.76 14.96
CGD HEC K . 4.47 10.53 16.26
O1D HEC K . 4.91 10.00 17.33
O2D HEC K . 4.02 11.72 16.25
CA CA L . 2.77 13.51 15.52
#